data_2J90
#
_entry.id   2J90
#
_cell.length_a   95.765
_cell.length_b   95.765
_cell.length_c   150.941
_cell.angle_alpha   90.00
_cell.angle_beta   90.00
_cell.angle_gamma   90.00
#
_symmetry.space_group_name_H-M   'P 43 21 2'
#
loop_
_entity.id
_entity.type
_entity.pdbx_description
1 polymer 'DEATH-ASSOCIATED PROTEIN KINASE 3'
2 non-polymer 2-TERT-BUTYL-9-FLUORO-3,6-DIHYDRO-7H-BENZ[H]-IMIDAZ[4,5-F]ISOQUINOLINE-7-ONE
3 non-polymer 'CHLORIDE ION'
4 non-polymer 1,2-ETHANEDIOL
5 non-polymer 'PHOSPHATE ION'
6 water water
#
_entity_poly.entity_id   1
_entity_poly.type   'polypeptide(L)'
_entity_poly.pdbx_seq_one_letter_code
;MHHHHHHSSGVDLGTENLYFQSMVEDHYEMGEELGSGQFAIVRKCRQKGTGKEYAAKFIKKRRL(SEP)SSRRGVSREEI
EREVNILREIRHPNIITLHDIFENKTDVVLILELVSGGELFDFLAEKESLTEDEATQFLKQILDGVHYLHSKRIAHFDLK
PENIMLLDKNVPNPRIKLIDFGIAHKIEAGNEFKNIFGTPEFVAPEIVNYEPLGLEADMWSIGVITYILLSGASPFLGET
KQETLTNISAVNYDFDEEYFSNTSELAKDFIRRLLVKDPKRRM(TPO)IAQSLEHSWIKAIRRRNVRGEDSG
;
_entity_poly.pdbx_strand_id   A,B
#
loop_
_chem_comp.id
_chem_comp.type
_chem_comp.name
_chem_comp.formula
CL non-polymer 'CHLORIDE ION' 'Cl -1'
EDO non-polymer 1,2-ETHANEDIOL 'C2 H6 O2'
IZA non-polymer 2-TERT-BUTYL-9-FLUORO-3,6-DIHYDRO-7H-BENZ[H]-IMIDAZ[4,5-F]ISOQUINOLINE-7-ONE 'C18 H16 F N3 O'
PO4 non-polymer 'PHOSPHATE ION' 'O4 P -3'
#
# COMPACT_ATOMS: atom_id res chain seq x y z
N PHE A 20 18.73 24.30 -14.57
CA PHE A 20 18.50 24.23 -16.05
C PHE A 20 17.13 23.67 -16.45
N GLN A 21 16.38 23.11 -15.50
CA GLN A 21 15.02 22.66 -15.77
C GLN A 21 14.15 23.85 -16.20
N SER A 22 13.15 23.60 -17.03
CA SER A 22 12.22 24.65 -17.47
C SER A 22 11.54 25.25 -16.24
N MET A 23 11.48 26.58 -16.18
CA MET A 23 10.83 27.24 -15.03
C MET A 23 9.38 27.56 -15.35
N VAL A 24 8.48 27.18 -14.44
CA VAL A 24 7.04 27.35 -14.66
C VAL A 24 6.67 28.82 -14.90
N GLU A 25 7.36 29.74 -14.23
CA GLU A 25 7.10 31.17 -14.35
C GLU A 25 7.45 31.73 -15.74
N ASP A 26 8.31 31.02 -16.47
CA ASP A 26 8.63 31.39 -17.86
C ASP A 26 7.53 31.00 -18.85
N HIS A 27 6.58 30.18 -18.39
CA HIS A 27 5.49 29.69 -19.24
C HIS A 27 4.10 30.14 -18.77
N TYR A 28 3.96 30.42 -17.49
CA TYR A 28 2.68 30.80 -16.88
C TYR A 28 2.86 32.00 -15.96
N GLU A 29 2.01 33.02 -16.09
CA GLU A 29 2.02 34.11 -15.11
C GLU A 29 1.05 33.79 -13.99
N MET A 30 1.54 33.89 -12.77
CA MET A 30 0.84 33.43 -11.58
C MET A 30 -0.05 34.53 -11.03
N GLY A 31 -1.22 34.12 -10.55
CA GLY A 31 -2.21 35.05 -10.04
C GLY A 31 -2.66 34.71 -8.64
N GLU A 32 -3.93 34.96 -8.36
CA GLU A 32 -4.47 34.83 -7.02
C GLU A 32 -4.40 33.40 -6.51
N GLU A 33 -4.18 33.27 -5.21
CA GLU A 33 -4.21 31.98 -4.54
C GLU A 33 -5.65 31.54 -4.44
N LEU A 34 -5.89 30.29 -4.80
CA LEU A 34 -7.23 29.74 -4.86
C LEU A 34 -7.50 28.76 -3.71
N GLY A 35 -6.47 28.07 -3.28
CA GLY A 35 -6.59 27.14 -2.17
C GLY A 35 -5.24 26.63 -1.74
N SER A 36 -5.21 25.94 -0.61
CA SER A 36 -3.99 25.36 -0.12
C SER A 36 -4.24 24.17 0.80
N GLY A 37 -3.19 23.37 0.97
CA GLY A 37 -3.16 22.23 1.90
C GLY A 37 -1.84 22.32 2.65
N GLN A 38 -1.52 21.31 3.47
CA GLN A 38 -0.28 21.37 4.28
C GLN A 38 0.98 21.64 3.42
N PHE A 39 1.05 20.97 2.26
CA PHE A 39 2.22 21.00 1.40
C PHE A 39 1.87 21.39 -0.04
N ALA A 40 0.77 22.12 -0.22
CA ALA A 40 0.29 22.49 -1.54
C ALA A 40 -0.36 23.86 -1.53
N ILE A 41 -0.09 24.62 -2.59
CA ILE A 41 -0.71 25.91 -2.83
C ILE A 41 -1.21 25.90 -4.26
N VAL A 42 -2.44 26.33 -4.45
CA VAL A 42 -3.05 26.40 -5.78
C VAL A 42 -3.27 27.87 -6.13
N ARG A 43 -2.67 28.30 -7.25
CA ARG A 43 -2.84 29.64 -7.79
C ARG A 43 -3.48 29.61 -9.17
N LYS A 44 -4.33 30.60 -9.44
CA LYS A 44 -4.80 30.85 -10.80
C LYS A 44 -3.60 31.32 -11.61
N CYS A 45 -3.50 30.86 -12.85
CA CYS A 45 -2.41 31.27 -13.73
C CYS A 45 -2.89 31.39 -15.16
N ARG A 46 -2.12 32.11 -15.97
CA ARG A 46 -2.43 32.37 -17.37
C ARG A 46 -1.25 31.91 -18.20
N GLN A 47 -1.53 31.08 -19.21
CA GLN A 47 -0.52 30.58 -20.12
C GLN A 47 -0.06 31.72 -21.01
N LYS A 48 1.22 32.07 -20.91
CA LYS A 48 1.76 33.23 -21.63
C LYS A 48 1.60 33.13 -23.14
N GLY A 49 1.62 31.91 -23.68
CA GLY A 49 1.50 31.72 -25.11
C GLY A 49 0.12 32.06 -25.67
N THR A 50 -0.91 31.67 -24.92
CA THR A 50 -2.28 31.64 -25.41
C THR A 50 -3.27 32.54 -24.65
N GLY A 51 -2.93 32.94 -23.43
CA GLY A 51 -3.87 33.66 -22.57
C GLY A 51 -4.86 32.75 -21.84
N LYS A 52 -4.79 31.44 -22.07
CA LYS A 52 -5.72 30.49 -21.44
C LYS A 52 -5.43 30.34 -19.96
N GLU A 53 -6.48 30.21 -19.14
CA GLU A 53 -6.33 30.13 -17.69
C GLU A 53 -6.33 28.69 -17.19
N TYR A 54 -5.47 28.45 -16.21
CA TYR A 54 -5.31 27.15 -15.57
C TYR A 54 -5.20 27.36 -14.06
N ALA A 55 -5.14 26.25 -13.32
CA ALA A 55 -4.74 26.27 -11.91
C ALA A 55 -3.36 25.62 -11.78
N ALA A 56 -2.45 26.31 -11.11
CA ALA A 56 -1.10 25.81 -10.88
C ALA A 56 -1.03 25.32 -9.45
N LYS A 57 -0.75 24.03 -9.30
CA LYS A 57 -0.64 23.40 -7.98
C LYS A 57 0.83 23.18 -7.66
N PHE A 58 1.33 23.95 -6.69
CA PHE A 58 2.70 23.85 -6.22
C PHE A 58 2.74 22.85 -5.07
N ILE A 59 3.42 21.72 -5.27
CA ILE A 59 3.60 20.71 -4.24
C ILE A 59 5.02 20.82 -3.66
N LYS A 60 5.11 21.09 -2.36
CA LYS A 60 6.41 21.21 -1.70
C LYS A 60 7.11 19.87 -1.52
N LYS A 61 8.32 19.74 -2.05
CA LYS A 61 9.07 18.49 -1.92
C LYS A 61 9.73 18.37 -0.55
N ARG A 62 9.66 17.18 0.03
CA ARG A 62 10.45 16.84 1.20
C ARG A 62 11.93 16.86 0.82
N ARG A 63 12.75 17.44 1.67
CA ARG A 63 14.20 17.37 1.53
C ARG A 63 14.80 17.12 2.91
N LEU A 64 14.97 15.86 3.26
CA LEU A 64 15.52 15.48 4.57
C LEU A 64 16.87 16.17 4.85
N SEP A 65 17.72 16.25 3.82
CA SEP A 65 19.04 16.89 3.89
CB SEP A 65 19.63 17.02 2.49
OG SEP A 65 19.16 18.22 1.89
C SEP A 65 19.00 18.30 4.51
O SEP A 65 19.86 18.65 5.32
P SEP A 65 19.40 18.36 0.30
O1P SEP A 65 18.39 17.33 -0.43
O2P SEP A 65 19.09 19.88 -0.10
O3P SEP A 65 20.94 18.02 -0.06
N SER A 66 18.02 19.10 4.08
CA SER A 66 17.86 20.51 4.49
C SER A 66 16.87 20.66 5.66
N SER A 67 16.46 19.54 6.26
CA SER A 67 15.31 19.51 7.18
C SER A 67 14.09 20.25 6.61
N ARG A 68 13.76 19.94 5.36
CA ARG A 68 12.60 20.52 4.69
C ARG A 68 11.51 19.45 4.64
N ARG A 69 10.41 19.73 5.33
CA ARG A 69 9.27 18.84 5.31
C ARG A 69 8.46 19.05 4.05
N GLY A 70 7.88 17.97 3.55
CA GLY A 70 7.08 18.05 2.34
C GLY A 70 6.64 16.66 1.93
N VAL A 71 6.29 16.53 0.65
CA VAL A 71 5.79 15.29 0.09
C VAL A 71 6.98 14.51 -0.49
N SER A 72 7.02 13.22 -0.23
CA SER A 72 8.08 12.37 -0.76
C SER A 72 8.02 12.25 -2.28
N ARG A 73 9.16 11.91 -2.90
CA ARG A 73 9.21 11.68 -4.34
C ARG A 73 8.16 10.62 -4.75
N GLU A 74 8.10 9.53 -4.00
CA GLU A 74 7.13 8.45 -4.29
C GLU A 74 5.67 8.92 -4.26
N GLU A 75 5.33 9.76 -3.29
CA GLU A 75 3.96 10.25 -3.14
C GLU A 75 3.61 11.22 -4.26
N ILE A 76 4.55 12.10 -4.60
CA ILE A 76 4.36 13.00 -5.74
C ILE A 76 4.18 12.19 -7.02
N GLU A 77 5.05 11.20 -7.24
CA GLU A 77 4.97 10.37 -8.44
C GLU A 77 3.63 9.62 -8.50
N ARG A 78 3.14 9.16 -7.35
CA ARG A 78 1.87 8.47 -7.28
C ARG A 78 0.72 9.33 -7.82
N GLU A 79 0.61 10.54 -7.30
CA GLU A 79 -0.43 11.48 -7.67
C GLU A 79 -0.31 11.90 -9.14
N VAL A 80 0.89 12.25 -9.55
CA VAL A 80 1.13 12.65 -10.94
C VAL A 80 0.83 11.55 -11.95
N ASN A 81 1.26 10.33 -11.65
CA ASN A 81 1.03 9.22 -12.54
C ASN A 81 -0.44 8.86 -12.70
N ILE A 82 -1.22 9.10 -11.66
CA ILE A 82 -2.67 8.95 -11.73
C ILE A 82 -3.27 10.10 -12.55
N LEU A 83 -2.90 11.33 -12.25
CA LEU A 83 -3.44 12.48 -12.97
C LEU A 83 -3.18 12.37 -14.46
N ARG A 84 -1.98 11.94 -14.85
CA ARG A 84 -1.69 11.89 -16.27
C ARG A 84 -2.53 10.86 -17.03
N GLU A 85 -3.08 9.85 -16.34
CA GLU A 85 -3.98 8.87 -16.96
C GLU A 85 -5.44 9.33 -17.13
N ILE A 86 -5.84 10.42 -16.47
CA ILE A 86 -7.26 10.76 -16.34
C ILE A 86 -7.76 11.73 -17.40
N ARG A 87 -8.75 11.31 -18.17
CA ARG A 87 -9.38 12.17 -19.17
C ARG A 87 -10.88 11.92 -19.16
N HIS A 88 -11.58 12.66 -18.31
CA HIS A 88 -13.03 12.53 -18.14
C HIS A 88 -13.62 13.90 -17.80
N PRO A 89 -14.80 14.21 -18.35
CA PRO A 89 -15.37 15.55 -18.11
C PRO A 89 -15.69 15.90 -16.65
N ASN A 90 -15.81 14.92 -15.77
CA ASN A 90 -16.09 15.20 -14.36
C ASN A 90 -14.86 15.14 -13.44
N ILE A 91 -13.67 15.11 -14.03
CA ILE A 91 -12.42 15.11 -13.27
C ILE A 91 -11.49 16.15 -13.88
N ILE A 92 -10.72 16.85 -13.04
CA ILE A 92 -9.72 17.79 -13.50
C ILE A 92 -8.70 17.08 -14.39
N THR A 93 -8.19 17.81 -15.36
CA THR A 93 -7.20 17.30 -16.29
C THR A 93 -5.84 17.92 -16.00
N LEU A 94 -4.78 17.18 -16.25
CA LEU A 94 -3.41 17.65 -16.08
C LEU A 94 -2.86 18.11 -17.45
N HIS A 95 -2.31 19.31 -17.51
CA HIS A 95 -1.81 19.86 -18.78
C HIS A 95 -0.29 19.96 -18.92
N ASP A 96 0.41 20.19 -17.81
CA ASP A 96 1.87 20.20 -17.79
C ASP A 96 2.44 19.98 -16.39
N ILE A 97 3.73 19.67 -16.35
CA ILE A 97 4.48 19.36 -15.14
C ILE A 97 5.80 20.09 -15.17
N PHE A 98 6.10 20.82 -14.10
CA PHE A 98 7.40 21.46 -13.89
C PHE A 98 7.96 20.99 -12.56
N GLU A 99 9.28 20.98 -12.44
CA GLU A 99 9.90 20.71 -11.17
C GLU A 99 11.10 21.62 -11.00
N ASN A 100 11.24 22.17 -9.79
CA ASN A 100 12.45 22.88 -9.42
C ASN A 100 12.96 22.25 -8.13
N LYS A 101 13.94 22.89 -7.50
CA LYS A 101 14.55 22.35 -6.29
C LYS A 101 13.53 22.07 -5.19
N THR A 102 12.59 22.98 -5.01
CA THR A 102 11.70 22.91 -3.86
C THR A 102 10.27 22.42 -4.14
N ASP A 103 9.81 22.57 -5.38
CA ASP A 103 8.42 22.24 -5.73
C ASP A 103 8.29 21.43 -7.00
N VAL A 104 7.22 20.65 -7.04
CA VAL A 104 6.68 20.10 -8.29
C VAL A 104 5.44 20.93 -8.58
N VAL A 105 5.36 21.47 -9.80
CA VAL A 105 4.26 22.35 -10.16
C VAL A 105 3.43 21.70 -11.26
N LEU A 106 2.16 21.48 -10.96
CA LEU A 106 1.23 20.85 -11.88
C LEU A 106 0.32 21.90 -12.47
N ILE A 107 0.21 21.92 -13.79
CA ILE A 107 -0.75 22.80 -14.45
C ILE A 107 -2.04 22.01 -14.68
N LEU A 108 -3.09 22.40 -13.97
CA LEU A 108 -4.33 21.67 -13.93
C LEU A 108 -5.48 22.51 -14.50
N GLU A 109 -6.53 21.84 -14.97
CA GLU A 109 -7.76 22.47 -15.41
C GLU A 109 -8.27 23.40 -14.30
N LEU A 110 -8.59 24.64 -14.64
CA LEU A 110 -9.12 25.61 -13.68
C LEU A 110 -10.61 25.35 -13.48
N VAL A 111 -11.03 25.18 -12.22
CA VAL A 111 -12.46 25.07 -11.91
C VAL A 111 -12.86 26.36 -11.18
N SER A 112 -13.88 27.05 -11.69
CA SER A 112 -14.23 28.39 -11.19
C SER A 112 -15.57 28.49 -10.44
N GLY A 113 -16.33 27.40 -10.38
CA GLY A 113 -17.65 27.43 -9.77
C GLY A 113 -17.73 27.11 -8.29
N GLY A 114 -16.57 26.92 -7.64
CA GLY A 114 -16.51 26.66 -6.21
C GLY A 114 -16.95 25.25 -5.85
N GLU A 115 -17.20 25.04 -4.55
CA GLU A 115 -17.62 23.74 -4.03
C GLU A 115 -19.10 23.49 -4.34
N LEU A 116 -19.42 22.26 -4.74
CA LEU A 116 -20.80 21.88 -5.05
C LEU A 116 -21.76 22.28 -3.93
N PHE A 117 -21.42 21.93 -2.68
CA PHE A 117 -22.36 22.11 -1.56
C PHE A 117 -22.56 23.58 -1.14
N ASP A 118 -21.61 24.45 -1.51
CA ASP A 118 -21.81 25.90 -1.36
C ASP A 118 -22.87 26.40 -2.34
N PHE A 119 -22.77 25.95 -3.59
CA PHE A 119 -23.77 26.25 -4.64
C PHE A 119 -25.17 25.74 -4.29
N LEU A 120 -25.25 24.51 -3.79
CA LEU A 120 -26.54 23.93 -3.38
C LEU A 120 -27.19 24.69 -2.22
N ALA A 121 -26.36 25.18 -1.29
CA ALA A 121 -26.83 25.99 -0.17
C ALA A 121 -27.48 27.30 -0.63
N GLU A 122 -26.96 27.86 -1.73
CA GLU A 122 -27.48 29.09 -2.30
C GLU A 122 -28.81 28.91 -3.06
N LYS A 123 -29.15 27.66 -3.42
CA LYS A 123 -30.38 27.39 -4.18
C LYS A 123 -31.67 27.62 -3.38
N GLU A 124 -32.78 27.80 -4.10
CA GLU A 124 -34.12 27.80 -3.51
C GLU A 124 -34.88 26.56 -3.99
N SER A 125 -35.55 25.88 -3.05
CA SER A 125 -36.37 24.69 -3.33
C SER A 125 -35.59 23.53 -4.00
N LEU A 126 -34.40 23.21 -3.45
CA LEU A 126 -33.63 22.06 -3.92
C LEU A 126 -34.40 20.75 -3.72
N THR A 127 -34.69 20.06 -4.83
CA THR A 127 -35.49 18.83 -4.79
C THR A 127 -34.59 17.62 -4.91
N GLU A 128 -35.12 16.47 -4.52
CA GLU A 128 -34.40 15.22 -4.63
C GLU A 128 -33.98 14.94 -6.08
N ASP A 129 -34.88 15.19 -7.04
CA ASP A 129 -34.57 14.95 -8.45
C ASP A 129 -33.39 15.82 -8.94
N GLU A 130 -33.40 17.10 -8.55
CA GLU A 130 -32.29 18.01 -8.86
C GLU A 130 -30.98 17.56 -8.22
N ALA A 131 -31.05 17.10 -6.97
CA ALA A 131 -29.88 16.59 -6.26
C ALA A 131 -29.30 15.34 -6.94
N THR A 132 -30.17 14.43 -7.37
CA THR A 132 -29.73 13.19 -8.02
C THR A 132 -28.95 13.45 -9.32
N GLN A 133 -29.19 14.60 -9.96
CA GLN A 133 -28.49 14.99 -11.19
C GLN A 133 -26.99 15.24 -10.96
N PHE A 134 -26.68 15.90 -9.85
CA PHE A 134 -25.30 16.11 -9.45
C PHE A 134 -24.66 14.79 -8.98
N LEU A 135 -25.42 13.99 -8.23
CA LEU A 135 -24.91 12.71 -7.77
C LEU A 135 -24.56 11.84 -8.96
N LYS A 136 -25.39 11.86 -9.99
CA LYS A 136 -25.15 11.08 -11.20
C LYS A 136 -23.82 11.44 -11.86
N GLN A 137 -23.48 12.73 -11.87
CA GLN A 137 -22.19 13.17 -12.40
C GLN A 137 -21.02 12.63 -11.57
N ILE A 138 -21.18 12.58 -10.25
CA ILE A 138 -20.17 12.04 -9.33
C ILE A 138 -20.00 10.55 -9.61
N LEU A 139 -21.11 9.85 -9.81
CA LEU A 139 -21.04 8.44 -10.14
C LEU A 139 -20.29 8.20 -11.46
N ASP A 140 -20.54 9.05 -12.47
CA ASP A 140 -19.83 8.93 -13.77
C ASP A 140 -18.31 9.10 -13.63
N GLY A 141 -17.88 10.13 -12.91
CA GLY A 141 -16.47 10.34 -12.64
C GLY A 141 -15.85 9.18 -11.87
N VAL A 142 -16.55 8.69 -10.86
CA VAL A 142 -16.02 7.55 -10.06
C VAL A 142 -16.01 6.24 -10.87
N HIS A 143 -17.00 6.06 -11.73
CA HIS A 143 -17.05 4.89 -12.57
C HIS A 143 -15.83 4.86 -13.52
N TYR A 144 -15.50 6.02 -14.07
CA TYR A 144 -14.34 6.19 -14.89
C TYR A 144 -13.06 5.83 -14.11
N LEU A 145 -12.91 6.40 -12.92
CA LEU A 145 -11.76 6.11 -12.07
C LEU A 145 -11.62 4.64 -11.78
N HIS A 146 -12.70 4.01 -11.30
CA HIS A 146 -12.69 2.60 -10.95
C HIS A 146 -12.46 1.67 -12.15
N SER A 147 -12.91 2.07 -13.34
CA SER A 147 -12.66 1.32 -14.57
C SER A 147 -11.17 1.22 -14.87
N LYS A 148 -10.41 2.19 -14.35
CA LYS A 148 -8.97 2.22 -14.47
C LYS A 148 -8.24 1.77 -13.18
N ARG A 149 -8.99 1.19 -12.25
CA ARG A 149 -8.47 0.66 -10.98
C ARG A 149 -7.90 1.74 -10.07
N ILE A 150 -8.40 2.97 -10.22
CA ILE A 150 -8.01 4.08 -9.39
C ILE A 150 -9.04 4.33 -8.29
N ALA A 151 -8.64 4.19 -7.03
CA ALA A 151 -9.43 4.64 -5.88
C ALA A 151 -8.97 6.03 -5.53
N HIS A 152 -9.93 6.93 -5.33
CA HIS A 152 -9.64 8.31 -4.92
C HIS A 152 -9.21 8.43 -3.45
N PHE A 153 -9.98 7.77 -2.57
CA PHE A 153 -9.76 7.67 -1.12
C PHE A 153 -10.03 8.94 -0.30
N ASP A 154 -10.32 10.05 -0.96
CA ASP A 154 -10.63 11.29 -0.21
C ASP A 154 -11.85 11.98 -0.83
N LEU A 155 -12.84 11.19 -1.23
CA LEU A 155 -14.10 11.75 -1.73
C LEU A 155 -14.88 12.38 -0.57
N LYS A 156 -15.08 13.67 -0.68
CA LYS A 156 -15.81 14.46 0.31
C LYS A 156 -16.22 15.77 -0.36
N PRO A 157 -17.20 16.49 0.21
CA PRO A 157 -17.70 17.71 -0.44
C PRO A 157 -16.62 18.71 -0.85
N GLU A 158 -15.60 18.90 -0.04
CA GLU A 158 -14.55 19.86 -0.35
C GLU A 158 -13.75 19.49 -1.60
N ASN A 159 -13.78 18.22 -2.00
CA ASN A 159 -13.12 17.79 -3.23
C ASN A 159 -14.06 17.64 -4.44
N ILE A 160 -15.30 18.12 -4.28
CA ILE A 160 -16.30 18.09 -5.35
C ILE A 160 -16.60 19.54 -5.72
N MET A 161 -16.01 19.98 -6.84
CA MET A 161 -16.13 21.35 -7.28
C MET A 161 -17.06 21.46 -8.48
N LEU A 162 -17.33 22.69 -8.90
CA LEU A 162 -18.06 22.96 -10.14
C LEU A 162 -17.15 23.74 -11.08
N LEU A 163 -17.23 23.42 -12.36
CA LEU A 163 -16.44 24.10 -13.39
C LEU A 163 -16.86 25.57 -13.51
N ASP A 164 -18.16 25.78 -13.61
CA ASP A 164 -18.77 27.09 -13.79
C ASP A 164 -20.14 27.02 -13.13
N LYS A 165 -20.37 27.84 -12.10
CA LYS A 165 -21.64 27.79 -11.36
C LYS A 165 -22.73 28.68 -11.98
N ASN A 166 -22.35 29.52 -12.96
CA ASN A 166 -23.29 30.43 -13.61
C ASN A 166 -23.77 29.88 -14.95
N VAL A 167 -24.24 28.64 -14.92
CA VAL A 167 -24.80 27.96 -16.09
C VAL A 167 -26.04 27.16 -15.63
N PRO A 168 -27.03 26.94 -16.52
CA PRO A 168 -28.22 26.17 -16.15
C PRO A 168 -27.95 24.80 -15.50
N ASN A 169 -26.97 24.07 -16.01
CA ASN A 169 -26.61 22.75 -15.47
C ASN A 169 -25.10 22.63 -15.18
N PRO A 170 -24.66 23.16 -14.02
CA PRO A 170 -23.23 23.17 -13.69
C PRO A 170 -22.59 21.78 -13.64
N ARG A 171 -21.33 21.71 -14.06
CA ARG A 171 -20.62 20.46 -14.21
C ARG A 171 -19.74 20.20 -13.01
N ILE A 172 -19.87 18.99 -12.45
CA ILE A 172 -19.03 18.50 -11.35
C ILE A 172 -17.60 18.28 -11.83
N LYS A 173 -16.63 18.71 -11.00
CA LYS A 173 -15.22 18.39 -11.21
C LYS A 173 -14.62 17.87 -9.91
N LEU A 174 -14.16 16.62 -9.93
CA LEU A 174 -13.43 16.06 -8.78
C LEU A 174 -11.98 16.55 -8.75
N ILE A 175 -11.51 16.93 -7.56
CA ILE A 175 -10.14 17.36 -7.36
C ILE A 175 -9.45 16.53 -6.27
N ASP A 176 -8.18 16.84 -6.03
CA ASP A 176 -7.36 16.29 -4.95
C ASP A 176 -7.13 14.78 -4.98
N PHE A 177 -6.16 14.39 -5.79
CA PHE A 177 -5.76 12.99 -5.92
C PHE A 177 -4.53 12.70 -5.06
N GLY A 178 -4.37 13.47 -3.99
CA GLY A 178 -3.24 13.39 -3.06
C GLY A 178 -3.05 12.05 -2.35
N ILE A 179 -4.13 11.30 -2.10
CA ILE A 179 -3.99 9.95 -1.53
C ILE A 179 -4.62 8.87 -2.41
N ALA A 180 -4.94 9.21 -3.64
CA ALA A 180 -5.43 8.23 -4.62
C ALA A 180 -4.37 7.16 -4.89
N HIS A 181 -4.82 5.91 -5.07
CA HIS A 181 -3.95 4.80 -5.38
C HIS A 181 -4.55 3.95 -6.51
N LYS A 182 -3.68 3.38 -7.33
CA LYS A 182 -4.03 2.28 -8.24
C LYS A 182 -4.21 1.00 -7.44
N ILE A 183 -5.32 0.29 -7.67
CA ILE A 183 -5.63 -0.90 -6.87
C ILE A 183 -5.40 -2.17 -7.66
N GLU A 184 -4.55 -3.02 -7.08
CA GLU A 184 -4.29 -4.38 -7.57
C GLU A 184 -3.48 -4.35 -8.85
N GLY A 194 3.95 -20.07 -3.93
CA GLY A 194 4.79 -20.93 -3.10
C GLY A 194 4.17 -21.28 -1.76
N THR A 195 4.96 -21.88 -0.88
CA THR A 195 4.48 -22.34 0.43
C THR A 195 3.94 -21.20 1.32
N PRO A 196 2.76 -21.44 1.96
CA PRO A 196 2.23 -20.52 2.96
C PRO A 196 2.69 -20.86 4.38
N GLU A 197 3.57 -21.86 4.51
CA GLU A 197 4.00 -22.36 5.82
C GLU A 197 4.62 -21.34 6.76
N PHE A 198 5.13 -20.22 6.21
CA PHE A 198 5.90 -19.27 7.01
C PHE A 198 5.25 -17.91 7.16
N VAL A 199 4.06 -17.73 6.58
CA VAL A 199 3.34 -16.46 6.62
C VAL A 199 2.59 -16.25 7.95
N ALA A 200 2.59 -15.01 8.43
CA ALA A 200 1.93 -14.64 9.70
C ALA A 200 0.42 -14.57 9.59
N PRO A 201 -0.30 -14.75 10.73
CA PRO A 201 -1.76 -14.68 10.73
C PRO A 201 -2.34 -13.42 10.10
N GLU A 202 -1.70 -12.27 10.29
CA GLU A 202 -2.17 -11.01 9.71
C GLU A 202 -2.07 -10.99 8.16
N ILE A 203 -1.15 -11.77 7.64
CA ILE A 203 -1.06 -11.98 6.19
C ILE A 203 -2.15 -12.94 5.73
N VAL A 204 -2.35 -14.04 6.44
CA VAL A 204 -3.46 -14.95 6.15
C VAL A 204 -4.81 -14.22 6.12
N ASN A 205 -5.03 -13.37 7.11
CA ASN A 205 -6.28 -12.62 7.23
C ASN A 205 -6.31 -11.27 6.52
N TYR A 206 -5.31 -10.97 5.71
CA TYR A 206 -5.19 -9.66 5.10
C TYR A 206 -6.26 -9.41 4.06
N GLU A 207 -6.86 -8.24 4.10
CA GLU A 207 -7.71 -7.76 3.02
C GLU A 207 -7.32 -6.34 2.68
N PRO A 208 -6.75 -6.14 1.49
CA PRO A 208 -6.30 -4.82 1.12
C PRO A 208 -7.42 -3.79 0.99
N LEU A 209 -7.08 -2.54 1.21
CA LEU A 209 -8.01 -1.46 0.96
C LEU A 209 -8.22 -1.37 -0.54
N GLY A 210 -9.44 -1.03 -0.96
CA GLY A 210 -9.75 -0.95 -2.37
C GLY A 210 -10.80 0.06 -2.78
N LEU A 211 -11.35 -0.15 -3.96
CA LEU A 211 -12.35 0.72 -4.56
C LEU A 211 -13.61 0.89 -3.69
N GLU A 212 -13.86 -0.09 -2.83
CA GLU A 212 -15.06 -0.10 -1.99
C GLU A 212 -15.13 1.10 -1.03
N ALA A 213 -13.98 1.64 -0.65
CA ALA A 213 -13.93 2.75 0.26
C ALA A 213 -14.55 4.00 -0.38
N ASP A 214 -14.33 4.17 -1.67
CA ASP A 214 -14.96 5.24 -2.44
C ASP A 214 -16.48 5.07 -2.45
N MET A 215 -16.95 3.83 -2.51
CA MET A 215 -18.37 3.58 -2.57
C MET A 215 -19.07 3.92 -1.25
N TRP A 216 -18.39 3.64 -0.13
CA TRP A 216 -18.84 4.11 1.18
C TRP A 216 -18.93 5.63 1.20
N SER A 217 -17.89 6.31 0.70
CA SER A 217 -17.87 7.78 0.70
C SER A 217 -19.02 8.36 -0.12
N ILE A 218 -19.31 7.71 -1.25
CA ILE A 218 -20.50 8.06 -2.06
C ILE A 218 -21.82 7.95 -1.27
N GLY A 219 -21.93 6.90 -0.45
CA GLY A 219 -23.06 6.72 0.46
C GLY A 219 -23.20 7.89 1.42
N VAL A 220 -22.09 8.35 1.99
CA VAL A 220 -22.12 9.47 2.94
C VAL A 220 -22.46 10.78 2.22
N ILE A 221 -21.85 10.99 1.07
CA ILE A 221 -22.14 12.14 0.22
C ILE A 221 -23.62 12.21 -0.18
N THR A 222 -24.18 11.06 -0.55
CA THR A 222 -25.59 10.97 -0.92
C THR A 222 -26.50 11.32 0.27
N TYR A 223 -26.15 10.82 1.45
CA TYR A 223 -26.92 11.11 2.67
C TYR A 223 -26.95 12.62 2.97
N ILE A 224 -25.79 13.28 2.91
CA ILE A 224 -25.73 14.73 3.16
C ILE A 224 -26.36 15.56 2.04
N LEU A 225 -26.22 15.09 0.79
CA LEU A 225 -26.91 15.70 -0.37
C LEU A 225 -28.41 15.77 -0.18
N LEU A 226 -29.00 14.67 0.30
CA LEU A 226 -30.44 14.57 0.45
C LEU A 226 -31.00 15.14 1.74
N SER A 227 -30.13 15.44 2.71
CA SER A 227 -30.58 15.84 4.03
C SER A 227 -29.98 17.12 4.60
N GLY A 228 -28.77 17.48 4.20
CA GLY A 228 -28.00 18.56 4.84
C GLY A 228 -27.32 18.14 6.15
N ALA A 229 -27.41 16.85 6.50
CA ALA A 229 -26.88 16.32 7.76
C ALA A 229 -25.80 15.27 7.47
N SER A 230 -24.78 15.22 8.33
CA SER A 230 -23.70 14.22 8.21
C SER A 230 -24.09 12.99 9.04
N PRO A 231 -24.10 11.80 8.44
CA PRO A 231 -24.69 10.65 9.13
C PRO A 231 -23.94 10.17 10.37
N PHE A 232 -22.62 10.25 10.36
CA PHE A 232 -21.82 9.69 11.46
C PHE A 232 -21.23 10.74 12.39
N LEU A 233 -21.47 12.01 12.08
CA LEU A 233 -20.87 13.10 12.84
C LEU A 233 -21.29 13.07 14.30
N GLY A 234 -20.30 13.04 15.20
CA GLY A 234 -20.54 13.04 16.63
C GLY A 234 -20.21 14.39 17.22
N GLU A 235 -20.48 14.55 18.52
CA GLU A 235 -20.17 15.78 19.24
C GLU A 235 -18.67 15.99 19.37
N THR A 236 -17.94 14.89 19.29
CA THR A 236 -16.48 14.89 19.30
C THR A 236 -15.96 13.90 18.26
N LYS A 237 -14.71 14.11 17.86
CA LYS A 237 -14.07 13.26 16.85
C LYS A 237 -14.07 11.77 17.21
N GLN A 238 -13.76 11.43 18.45
CA GLN A 238 -13.79 10.02 18.87
C GLN A 238 -15.18 9.41 18.62
N GLU A 239 -16.22 10.19 18.90
CA GLU A 239 -17.61 9.73 18.69
C GLU A 239 -17.87 9.48 17.20
N THR A 240 -17.38 10.37 16.33
CA THR A 240 -17.54 10.20 14.89
C THR A 240 -16.90 8.91 14.41
N LEU A 241 -15.68 8.66 14.90
CA LEU A 241 -14.93 7.48 14.50
C LEU A 241 -15.60 6.21 15.01
N THR A 242 -16.11 6.27 16.23
CA THR A 242 -16.90 5.19 16.84
C THR A 242 -18.15 4.91 16.01
N ASN A 243 -18.89 5.97 15.67
CA ASN A 243 -20.09 5.86 14.80
C ASN A 243 -19.80 5.21 13.44
N ILE A 244 -18.71 5.62 12.80
CA ILE A 244 -18.33 5.06 11.51
C ILE A 244 -18.03 3.58 11.64
N SER A 245 -17.20 3.23 12.61
CA SER A 245 -16.79 1.84 12.81
C SER A 245 -17.98 0.93 13.17
N ALA A 246 -18.94 1.44 13.94
CA ALA A 246 -20.17 0.68 14.28
C ALA A 246 -21.24 0.75 13.19
N VAL A 247 -20.97 1.57 12.16
CA VAL A 247 -21.97 1.96 11.16
C VAL A 247 -23.27 2.35 11.85
N ASN A 248 -23.14 3.33 12.75
CA ASN A 248 -24.25 3.84 13.55
C ASN A 248 -24.77 5.13 12.96
N TYR A 249 -25.86 5.02 12.20
CA TYR A 249 -26.54 6.18 11.63
C TYR A 249 -28.03 5.88 11.55
N ASP A 250 -28.82 6.93 11.33
CA ASP A 250 -30.27 6.81 11.17
C ASP A 250 -30.76 7.67 10.02
N PHE A 251 -31.91 7.33 9.47
CA PHE A 251 -32.64 8.22 8.57
C PHE A 251 -33.66 9.00 9.41
N ASP A 252 -33.17 9.96 10.20
CA ASP A 252 -34.02 10.81 11.04
C ASP A 252 -35.18 11.38 10.25
N GLU A 253 -36.41 11.21 10.74
CA GLU A 253 -37.59 11.69 10.00
C GLU A 253 -37.57 13.21 9.77
N GLU A 254 -36.94 13.98 10.67
CA GLU A 254 -36.85 15.42 10.47
C GLU A 254 -36.32 15.75 9.08
N TYR A 255 -35.32 14.99 8.63
CA TYR A 255 -34.67 15.20 7.33
C TYR A 255 -35.10 14.21 6.26
N PHE A 256 -35.56 13.02 6.65
CA PHE A 256 -35.76 11.93 5.69
C PHE A 256 -37.20 11.47 5.48
N SER A 257 -38.17 12.13 6.13
CA SER A 257 -39.57 11.71 6.09
C SER A 257 -40.15 11.66 4.68
N ASN A 258 -39.66 12.52 3.79
CA ASN A 258 -40.17 12.60 2.42
C ASN A 258 -39.05 12.41 1.38
N THR A 259 -37.99 11.71 1.78
CA THR A 259 -36.98 11.18 0.87
C THR A 259 -37.53 9.87 0.33
N SER A 260 -37.32 9.58 -0.95
CA SER A 260 -37.92 8.39 -1.54
C SER A 260 -37.32 7.14 -0.90
N GLU A 261 -38.09 6.06 -0.88
CA GLU A 261 -37.60 4.76 -0.39
C GLU A 261 -36.46 4.23 -1.25
N LEU A 262 -36.46 4.56 -2.54
CA LEU A 262 -35.36 4.16 -3.44
C LEU A 262 -34.03 4.81 -3.08
N ALA A 263 -34.06 6.09 -2.72
CA ALA A 263 -32.88 6.80 -2.24
C ALA A 263 -32.34 6.22 -0.95
N LYS A 264 -33.22 5.86 -0.02
CA LYS A 264 -32.79 5.29 1.25
C LYS A 264 -32.16 3.94 1.01
N ASP A 265 -32.74 3.16 0.10
CA ASP A 265 -32.21 1.85 -0.26
C ASP A 265 -30.81 1.96 -0.89
N PHE A 266 -30.64 2.90 -1.81
CA PHE A 266 -29.33 3.25 -2.42
C PHE A 266 -28.28 3.51 -1.33
N ILE A 267 -28.62 4.38 -0.39
CA ILE A 267 -27.72 4.71 0.72
C ILE A 267 -27.41 3.50 1.60
N ARG A 268 -28.46 2.76 2.00
CA ARG A 268 -28.28 1.55 2.81
C ARG A 268 -27.38 0.49 2.17
N ARG A 269 -27.41 0.39 0.85
CA ARG A 269 -26.57 -0.57 0.13
C ARG A 269 -25.10 -0.17 -0.02
N LEU A 270 -24.78 1.08 0.37
CA LEU A 270 -23.41 1.60 0.36
C LEU A 270 -22.82 1.70 1.77
N LEU A 271 -23.65 2.07 2.75
CA LEU A 271 -23.18 2.25 4.14
C LEU A 271 -23.29 0.94 4.91
N VAL A 272 -22.45 -0.01 4.52
CA VAL A 272 -22.35 -1.30 5.21
C VAL A 272 -20.91 -1.54 5.59
N LYS A 273 -20.69 -2.23 6.70
CA LYS A 273 -19.36 -2.34 7.24
C LYS A 273 -18.43 -3.17 6.34
N ASP A 274 -18.90 -4.32 5.86
CA ASP A 274 -18.08 -5.20 5.03
C ASP A 274 -17.92 -4.59 3.62
N PRO A 275 -16.68 -4.22 3.24
CA PRO A 275 -16.47 -3.60 1.92
C PRO A 275 -16.98 -4.46 0.78
N LYS A 276 -16.87 -5.78 0.92
CA LYS A 276 -17.26 -6.70 -0.15
C LYS A 276 -18.77 -6.84 -0.29
N ARG A 277 -19.53 -6.35 0.69
CA ARG A 277 -20.98 -6.37 0.66
C ARG A 277 -21.53 -5.13 -0.04
N ARG A 278 -20.73 -4.06 -0.11
CA ARG A 278 -21.22 -2.80 -0.69
C ARG A 278 -21.47 -2.91 -2.18
N MET A 279 -22.44 -2.12 -2.67
CA MET A 279 -22.62 -1.97 -4.11
C MET A 279 -21.34 -1.45 -4.72
N TPO A 280 -20.97 -1.98 -5.88
CA TPO A 280 -19.89 -1.44 -6.67
CB TPO A 280 -19.25 -2.52 -7.54
CG2 TPO A 280 -18.91 -3.81 -6.77
OG1 TPO A 280 -20.12 -2.85 -8.65
P TPO A 280 -19.45 -3.20 -10.10
O1P TPO A 280 -18.66 -4.47 -9.92
O2P TPO A 280 -20.68 -3.49 -10.93
O3P TPO A 280 -18.58 -1.99 -10.56
C TPO A 280 -20.39 -0.29 -7.50
O TPO A 280 -21.60 -0.04 -7.56
N ILE A 281 -19.49 0.42 -8.19
CA ILE A 281 -19.90 1.61 -8.95
C ILE A 281 -20.85 1.25 -10.12
N ALA A 282 -20.60 0.15 -10.82
CA ALA A 282 -21.50 -0.28 -11.92
C ALA A 282 -22.89 -0.63 -11.38
N GLN A 283 -22.94 -1.31 -10.24
CA GLN A 283 -24.21 -1.61 -9.58
C GLN A 283 -24.96 -0.34 -9.17
N SER A 284 -24.21 0.63 -8.64
CA SER A 284 -24.76 1.91 -8.19
C SER A 284 -25.50 2.61 -9.35
N LEU A 285 -24.90 2.56 -10.54
CA LEU A 285 -25.47 3.16 -11.75
C LEU A 285 -26.68 2.43 -12.31
N GLU A 286 -26.83 1.16 -11.95
CA GLU A 286 -27.96 0.33 -12.37
C GLU A 286 -29.07 0.28 -11.31
N HIS A 287 -28.85 0.93 -10.17
CA HIS A 287 -29.85 1.01 -9.10
C HIS A 287 -31.07 1.76 -9.60
N SER A 288 -32.26 1.30 -9.20
CA SER A 288 -33.52 1.87 -9.69
C SER A 288 -33.61 3.37 -9.45
N TRP A 289 -33.03 3.85 -8.37
CA TRP A 289 -33.02 5.27 -8.06
C TRP A 289 -32.25 6.10 -9.09
N ILE A 290 -31.12 5.57 -9.54
CA ILE A 290 -30.27 6.27 -10.51
C ILE A 290 -30.81 6.06 -11.91
N LYS A 291 -31.27 4.85 -12.23
CA LYS A 291 -31.91 4.58 -13.54
C LYS A 291 -33.10 5.51 -13.83
N ALA A 292 -33.85 5.88 -12.79
CA ALA A 292 -34.94 6.86 -12.90
C ALA A 292 -34.46 8.26 -13.31
N ILE A 293 -33.24 8.63 -12.90
CA ILE A 293 -32.63 9.91 -13.28
C ILE A 293 -32.05 9.83 -14.69
N HIS B 27 27.05 -7.25 -22.27
CA HIS B 27 28.29 -7.05 -21.45
C HIS B 27 28.49 -8.10 -20.34
N TYR B 28 27.56 -9.05 -20.22
CA TYR B 28 27.70 -10.18 -19.30
C TYR B 28 27.47 -11.51 -20.02
N GLU B 29 28.43 -12.44 -19.89
CA GLU B 29 28.31 -13.76 -20.51
C GLU B 29 27.56 -14.73 -19.60
N MET B 30 26.36 -15.13 -20.03
CA MET B 30 25.46 -15.93 -19.20
C MET B 30 25.91 -17.39 -19.09
N GLY B 31 25.43 -18.07 -18.05
CA GLY B 31 25.79 -19.46 -17.76
C GLY B 31 24.57 -20.30 -17.43
N GLU B 32 24.72 -21.25 -16.50
CA GLU B 32 23.64 -22.17 -16.14
C GLU B 32 22.52 -21.53 -15.29
N GLU B 33 21.32 -22.10 -15.36
CA GLU B 33 20.16 -21.62 -14.59
C GLU B 33 20.24 -22.10 -13.14
N LEU B 34 20.24 -21.14 -12.21
CA LEU B 34 20.41 -21.43 -10.79
C LEU B 34 19.09 -21.64 -10.06
N GLY B 35 18.06 -20.88 -10.44
CA GLY B 35 16.76 -21.00 -9.80
C GLY B 35 15.68 -20.19 -10.49
N SER B 36 14.45 -20.38 -10.05
CA SER B 36 13.32 -19.69 -10.66
C SER B 36 12.16 -19.47 -9.71
N GLY B 37 11.37 -18.43 -9.99
CA GLY B 37 10.10 -18.17 -9.31
C GLY B 37 9.01 -17.89 -10.31
N GLN B 38 7.83 -17.51 -9.83
CA GLN B 38 6.66 -17.33 -10.70
C GLN B 38 6.98 -16.49 -11.94
N PHE B 39 7.63 -15.34 -11.74
CA PHE B 39 8.00 -14.45 -12.83
C PHE B 39 9.49 -14.05 -12.82
N ALA B 40 10.35 -14.93 -12.33
CA ALA B 40 11.79 -14.67 -12.32
C ALA B 40 12.60 -15.94 -12.60
N ILE B 41 13.73 -15.77 -13.28
CA ILE B 41 14.69 -16.84 -13.52
C ILE B 41 16.10 -16.28 -13.23
N VAL B 42 16.93 -17.05 -12.54
CA VAL B 42 18.27 -16.61 -12.15
C VAL B 42 19.33 -17.47 -12.84
N ARG B 43 20.26 -16.82 -13.55
CA ARG B 43 21.35 -17.51 -14.22
C ARG B 43 22.69 -16.99 -13.73
N LYS B 44 23.65 -17.91 -13.57
CA LYS B 44 25.04 -17.54 -13.27
C LYS B 44 25.61 -16.80 -14.48
N CYS B 45 26.44 -15.79 -14.23
CA CYS B 45 27.07 -15.04 -15.31
C CYS B 45 28.43 -14.47 -14.90
N ARG B 46 29.23 -14.10 -15.90
CA ARG B 46 30.55 -13.54 -15.68
C ARG B 46 30.68 -12.21 -16.41
N GLN B 47 31.36 -11.24 -15.78
CA GLN B 47 31.59 -9.93 -16.39
C GLN B 47 32.70 -10.00 -17.43
N LYS B 52 34.93 -11.83 -13.02
CA LYS B 52 34.06 -11.69 -11.83
C LYS B 52 32.70 -12.35 -12.07
N GLU B 53 32.41 -13.41 -11.32
CA GLU B 53 31.14 -14.14 -11.46
C GLU B 53 30.02 -13.48 -10.64
N TYR B 54 28.82 -13.45 -11.21
CA TYR B 54 27.63 -12.88 -10.56
C TYR B 54 26.38 -13.73 -10.82
N ALA B 55 25.25 -13.29 -10.26
CA ALA B 55 23.94 -13.91 -10.51
C ALA B 55 23.07 -12.93 -11.31
N ALA B 56 22.45 -13.45 -12.37
CA ALA B 56 21.64 -12.64 -13.27
C ALA B 56 20.16 -12.97 -13.07
N LYS B 57 19.43 -12.06 -12.43
CA LYS B 57 18.00 -12.26 -12.17
C LYS B 57 17.18 -11.64 -13.29
N PHE B 58 16.46 -12.47 -14.03
CA PHE B 58 15.59 -12.01 -15.12
C PHE B 58 14.17 -11.91 -14.63
N ILE B 59 13.64 -10.70 -14.59
CA ILE B 59 12.28 -10.46 -14.12
C ILE B 59 11.45 -10.08 -15.34
N LYS B 60 10.36 -10.82 -15.56
CA LYS B 60 9.52 -10.58 -16.72
C LYS B 60 8.52 -9.45 -16.43
N LYS B 61 8.55 -8.44 -17.30
CA LYS B 61 7.68 -7.28 -17.17
C LYS B 61 6.26 -7.58 -17.67
N ARG B 62 5.26 -7.04 -16.98
CA ARG B 62 3.90 -6.99 -17.51
C ARG B 62 3.95 -6.19 -18.81
N ARG B 63 3.25 -6.70 -19.82
CA ARG B 63 3.17 -6.01 -21.11
C ARG B 63 2.07 -4.96 -21.08
N LEU B 64 1.02 -5.25 -20.31
CA LEU B 64 -0.14 -4.38 -20.22
C LEU B 64 -0.50 -4.28 -18.76
N SEP B 65 -0.81 -3.06 -18.29
CA SEP B 65 -1.07 -2.81 -16.88
CB SEP B 65 -1.35 -1.33 -16.62
OG SEP B 65 -2.43 -0.88 -17.42
C SEP B 65 -2.22 -3.65 -16.34
O SEP B 65 -2.22 -4.06 -15.18
P SEP B 65 -3.51 0.04 -16.66
O1P SEP B 65 -4.06 1.17 -17.69
O2P SEP B 65 -4.75 -0.87 -16.17
O3P SEP B 65 -2.84 0.79 -15.39
N SER B 66 -3.21 -3.92 -17.20
CA SER B 66 -4.36 -4.77 -16.85
C SER B 66 -3.99 -6.26 -16.76
N SER B 67 -2.92 -6.67 -17.45
CA SER B 67 -2.51 -8.08 -17.53
C SER B 67 -2.08 -8.65 -16.16
N ARG B 68 -2.38 -9.93 -15.94
CA ARG B 68 -1.97 -10.66 -14.74
C ARG B 68 -0.64 -11.40 -14.93
N ARG B 69 -0.07 -11.30 -16.13
CA ARG B 69 1.14 -12.03 -16.51
C ARG B 69 2.35 -11.11 -16.50
N GLY B 70 3.31 -11.40 -15.65
CA GLY B 70 4.54 -10.60 -15.51
C GLY B 70 4.46 -9.70 -14.29
N VAL B 71 5.54 -8.97 -14.05
CA VAL B 71 5.63 -8.07 -12.90
C VAL B 71 5.52 -6.62 -13.36
N SER B 72 4.69 -5.83 -12.67
CA SER B 72 4.49 -4.42 -12.98
C SER B 72 5.75 -3.58 -12.79
N ARG B 73 5.82 -2.46 -13.51
CA ARG B 73 6.94 -1.52 -13.41
C ARG B 73 7.18 -1.08 -11.97
N GLU B 74 6.08 -0.79 -11.26
CA GLU B 74 6.12 -0.30 -9.89
C GLU B 74 6.73 -1.34 -8.96
N GLU B 75 6.33 -2.61 -9.14
CA GLU B 75 6.85 -3.70 -8.31
C GLU B 75 8.34 -3.98 -8.55
N ILE B 76 8.80 -3.80 -9.78
CA ILE B 76 10.22 -3.99 -10.11
C ILE B 76 11.06 -2.86 -9.49
N GLU B 77 10.64 -1.61 -9.72
CA GLU B 77 11.30 -0.44 -9.13
C GLU B 77 11.36 -0.54 -7.61
N ARG B 78 10.27 -0.99 -6.99
CA ARG B 78 10.22 -1.19 -5.54
C ARG B 78 11.32 -2.13 -5.08
N GLU B 79 11.43 -3.29 -5.75
CA GLU B 79 12.48 -4.26 -5.43
C GLU B 79 13.89 -3.68 -5.63
N VAL B 80 14.09 -3.00 -6.74
CA VAL B 80 15.38 -2.38 -7.08
C VAL B 80 15.78 -1.33 -6.05
N ASN B 81 14.85 -0.45 -5.71
CA ASN B 81 15.10 0.59 -4.70
C ASN B 81 15.49 0.01 -3.35
N ILE B 82 14.84 -1.08 -2.95
CA ILE B 82 15.18 -1.77 -1.71
C ILE B 82 16.60 -2.32 -1.80
N LEU B 83 16.90 -3.06 -2.86
CA LEU B 83 18.23 -3.61 -3.07
C LEU B 83 19.33 -2.53 -3.09
N ARG B 84 19.03 -1.41 -3.74
CA ARG B 84 19.99 -0.31 -3.86
C ARG B 84 20.40 0.29 -2.51
N GLU B 85 19.45 0.35 -1.57
CA GLU B 85 19.74 1.00 -0.28
C GLU B 85 20.30 0.04 0.78
N ILE B 86 20.22 -1.27 0.55
CA ILE B 86 20.73 -2.25 1.50
C ILE B 86 22.21 -2.52 1.31
N ARG B 87 22.99 -2.34 2.37
CA ARG B 87 24.38 -2.78 2.39
C ARG B 87 24.66 -3.47 3.72
N HIS B 88 24.72 -4.80 3.71
CA HIS B 88 24.91 -5.58 4.96
C HIS B 88 25.52 -6.94 4.63
N PRO B 89 26.45 -7.44 5.48
CA PRO B 89 27.11 -8.71 5.16
C PRO B 89 26.20 -9.91 4.94
N ASN B 90 25.01 -9.93 5.54
CA ASN B 90 24.12 -11.07 5.43
C ASN B 90 23.02 -10.92 4.36
N ILE B 91 23.15 -9.92 3.51
CA ILE B 91 22.18 -9.66 2.45
C ILE B 91 22.90 -9.49 1.12
N ILE B 92 22.36 -10.09 0.05
CA ILE B 92 22.95 -9.94 -1.29
C ILE B 92 22.96 -8.50 -1.75
N THR B 93 23.98 -8.15 -2.53
CA THR B 93 24.12 -6.79 -3.06
C THR B 93 23.72 -6.72 -4.54
N LEU B 94 23.34 -5.51 -4.97
CA LEU B 94 23.02 -5.22 -6.36
C LEU B 94 24.20 -4.50 -6.99
N HIS B 95 24.65 -4.97 -8.14
CA HIS B 95 25.81 -4.35 -8.79
C HIS B 95 25.53 -3.68 -10.14
N ASP B 96 24.48 -4.12 -10.85
CA ASP B 96 24.07 -3.46 -12.09
C ASP B 96 22.63 -3.78 -12.48
N ILE B 97 22.06 -2.95 -13.37
CA ILE B 97 20.70 -3.15 -13.89
C ILE B 97 20.67 -3.01 -15.42
N PHE B 98 19.87 -3.86 -16.06
CA PHE B 98 19.60 -3.78 -17.51
C PHE B 98 18.11 -3.96 -17.76
N GLU B 99 17.62 -3.37 -18.86
CA GLU B 99 16.20 -3.43 -19.19
C GLU B 99 15.98 -3.52 -20.71
N ASN B 100 14.90 -4.21 -21.10
CA ASN B 100 14.40 -4.21 -22.46
C ASN B 100 12.86 -4.30 -22.41
N LYS B 101 12.22 -4.45 -23.58
CA LYS B 101 10.75 -4.46 -23.65
C LYS B 101 10.08 -5.60 -22.85
N THR B 102 10.80 -6.72 -22.68
CA THR B 102 10.25 -7.92 -22.05
C THR B 102 10.75 -8.18 -20.63
N ASP B 103 12.02 -7.91 -20.36
CA ASP B 103 12.65 -8.26 -19.08
C ASP B 103 13.45 -7.12 -18.44
N VAL B 104 13.51 -7.15 -17.11
CA VAL B 104 14.50 -6.36 -16.36
C VAL B 104 15.48 -7.36 -15.74
N VAL B 105 16.77 -7.13 -15.95
CA VAL B 105 17.81 -8.04 -15.49
C VAL B 105 18.63 -7.36 -14.39
N LEU B 106 18.64 -7.93 -13.19
CA LEU B 106 19.45 -7.45 -12.07
C LEU B 106 20.71 -8.31 -11.95
N ILE B 107 21.87 -7.66 -11.92
CA ILE B 107 23.14 -8.34 -11.68
C ILE B 107 23.38 -8.28 -10.17
N LEU B 108 23.33 -9.46 -9.54
CA LEU B 108 23.39 -9.57 -8.09
C LEU B 108 24.60 -10.39 -7.66
N GLU B 109 24.96 -10.24 -6.39
CA GLU B 109 26.03 -11.01 -5.77
C GLU B 109 25.71 -12.49 -5.87
N LEU B 110 26.67 -13.27 -6.39
CA LEU B 110 26.53 -14.72 -6.51
C LEU B 110 26.76 -15.41 -5.17
N VAL B 111 25.83 -16.27 -4.79
CA VAL B 111 25.97 -17.15 -3.62
C VAL B 111 26.10 -18.61 -4.08
N SER B 112 27.12 -19.30 -3.58
CA SER B 112 27.48 -20.63 -4.09
C SER B 112 27.42 -21.75 -3.03
N GLY B 113 26.99 -21.43 -1.81
CA GLY B 113 26.92 -22.42 -0.74
C GLY B 113 25.57 -23.12 -0.60
N GLY B 114 24.64 -22.79 -1.50
CA GLY B 114 23.32 -23.40 -1.51
C GLY B 114 22.42 -22.87 -0.41
N GLU B 115 21.29 -23.54 -0.22
CA GLU B 115 20.36 -23.22 0.86
C GLU B 115 20.93 -23.69 2.19
N LEU B 116 20.72 -22.89 3.23
CA LEU B 116 21.22 -23.22 4.57
C LEU B 116 20.80 -24.62 5.02
N PHE B 117 19.51 -24.93 4.86
CA PHE B 117 18.96 -26.19 5.39
C PHE B 117 19.55 -27.42 4.73
N ASP B 118 19.95 -27.31 3.46
CA ASP B 118 20.60 -28.42 2.77
C ASP B 118 21.97 -28.69 3.40
N PHE B 119 22.74 -27.63 3.63
CA PHE B 119 24.05 -27.73 4.29
C PHE B 119 23.95 -28.39 5.66
N LEU B 120 22.95 -28.00 6.45
CA LEU B 120 22.75 -28.59 7.78
C LEU B 120 22.27 -30.05 7.72
N ALA B 121 21.55 -30.39 6.65
CA ALA B 121 21.02 -31.75 6.45
C ALA B 121 22.12 -32.77 6.16
N GLU B 122 23.09 -32.38 5.34
CA GLU B 122 24.24 -33.25 5.02
C GLU B 122 25.24 -33.37 6.18
N LYS B 123 25.12 -32.50 7.18
CA LYS B 123 26.02 -32.48 8.33
C LYS B 123 25.81 -33.69 9.25
N SER B 125 24.35 -34.71 12.79
CA SER B 125 23.52 -33.99 13.76
C SER B 125 23.90 -32.52 13.86
N LEU B 126 23.11 -31.76 14.61
CA LEU B 126 23.35 -30.33 14.80
C LEU B 126 23.01 -29.91 16.24
N THR B 127 23.97 -29.31 16.93
CA THR B 127 23.74 -28.85 18.29
C THR B 127 22.89 -27.58 18.29
N GLU B 128 22.25 -27.31 19.41
CA GLU B 128 21.44 -26.12 19.56
C GLU B 128 22.34 -24.89 19.44
N ASP B 129 23.54 -24.97 20.01
CA ASP B 129 24.51 -23.88 19.94
C ASP B 129 24.95 -23.61 18.50
N GLU B 130 25.16 -24.68 17.74
CA GLU B 130 25.45 -24.53 16.31
C GLU B 130 24.28 -23.91 15.54
N ALA B 131 23.06 -24.31 15.88
CA ALA B 131 21.86 -23.76 15.26
C ALA B 131 21.73 -22.27 15.50
N THR B 132 22.04 -21.81 16.71
CA THR B 132 21.94 -20.38 17.04
C THR B 132 23.02 -19.53 16.35
N GLN B 133 24.16 -20.13 16.03
CA GLN B 133 25.22 -19.42 15.31
C GLN B 133 24.74 -18.98 13.93
N PHE B 134 24.03 -19.87 13.24
CA PHE B 134 23.41 -19.50 11.96
C PHE B 134 22.21 -18.58 12.11
N LEU B 135 21.35 -18.88 13.11
CA LEU B 135 20.19 -18.04 13.36
C LEU B 135 20.57 -16.58 13.69
N LYS B 136 21.66 -16.40 14.44
CA LYS B 136 22.15 -15.05 14.78
C LYS B 136 22.45 -14.20 13.54
N GLN B 137 23.01 -14.82 12.51
CA GLN B 137 23.28 -14.14 11.24
C GLN B 137 21.98 -13.73 10.54
N ILE B 138 20.97 -14.60 10.58
CA ILE B 138 19.64 -14.28 10.05
C ILE B 138 19.08 -13.07 10.81
N LEU B 139 19.15 -13.14 12.14
CA LEU B 139 18.68 -12.05 13.01
C LEU B 139 19.41 -10.74 12.74
N ASP B 140 20.73 -10.80 12.47
CA ASP B 140 21.51 -9.60 12.16
C ASP B 140 21.03 -8.98 10.84
N GLY B 141 20.79 -9.79 9.82
CA GLY B 141 20.28 -9.29 8.54
C GLY B 141 18.90 -8.67 8.67
N VAL B 142 18.03 -9.31 9.44
CA VAL B 142 16.67 -8.82 9.65
C VAL B 142 16.69 -7.56 10.52
N HIS B 143 17.56 -7.52 11.52
CA HIS B 143 17.72 -6.30 12.32
C HIS B 143 18.08 -5.11 11.44
N TYR B 144 18.98 -5.33 10.48
CA TYR B 144 19.39 -4.28 9.56
C TYR B 144 18.20 -3.79 8.72
N LEU B 145 17.47 -4.71 8.12
CA LEU B 145 16.27 -4.39 7.34
C LEU B 145 15.26 -3.60 8.18
N HIS B 146 14.98 -4.09 9.37
CA HIS B 146 13.98 -3.46 10.23
C HIS B 146 14.44 -2.08 10.70
N SER B 147 15.75 -1.90 10.89
CA SER B 147 16.29 -0.56 11.18
C SER B 147 15.99 0.44 10.04
N LYS B 148 15.83 -0.07 8.83
CA LYS B 148 15.48 0.75 7.64
C LYS B 148 13.99 0.71 7.32
N ARG B 149 13.21 0.12 8.23
CA ARG B 149 11.76 0.01 8.13
C ARG B 149 11.37 -0.81 6.90
N ILE B 150 12.21 -1.78 6.54
CA ILE B 150 11.95 -2.69 5.44
C ILE B 150 11.60 -4.03 6.06
N ALA B 151 10.43 -4.56 5.67
CA ALA B 151 10.04 -5.93 5.95
C ALA B 151 10.32 -6.75 4.71
N HIS B 152 10.91 -7.92 4.90
CA HIS B 152 11.22 -8.83 3.80
C HIS B 152 9.94 -9.47 3.28
N PHE B 153 9.11 -9.96 4.20
CA PHE B 153 7.79 -10.52 3.95
C PHE B 153 7.77 -11.91 3.33
N ASP B 154 8.93 -12.46 3.00
CA ASP B 154 8.99 -13.84 2.46
C ASP B 154 10.19 -14.60 3.02
N LEU B 155 10.42 -14.42 4.31
CA LEU B 155 11.48 -15.16 4.99
C LEU B 155 11.06 -16.60 5.08
N LYS B 156 11.85 -17.46 4.45
CA LYS B 156 11.67 -18.90 4.53
C LYS B 156 13.02 -19.56 4.23
N PRO B 157 13.16 -20.85 4.57
CA PRO B 157 14.43 -21.57 4.36
C PRO B 157 15.01 -21.38 2.95
N GLU B 158 14.18 -21.46 1.91
CA GLU B 158 14.65 -21.38 0.52
C GLU B 158 15.27 -20.02 0.19
N ASN B 159 14.98 -18.99 0.99
CA ASN B 159 15.56 -17.66 0.77
C ASN B 159 16.73 -17.36 1.71
N ILE B 160 17.21 -18.39 2.40
CA ILE B 160 18.34 -18.27 3.30
C ILE B 160 19.46 -19.14 2.74
N MET B 161 20.46 -18.49 2.17
CA MET B 161 21.53 -19.15 1.44
C MET B 161 22.84 -18.99 2.18
N LEU B 162 23.85 -19.71 1.70
CA LEU B 162 25.22 -19.57 2.19
C LEU B 162 26.09 -19.04 1.06
N LEU B 163 26.93 -18.06 1.36
CA LEU B 163 27.81 -17.46 0.37
C LEU B 163 28.75 -18.54 -0.17
N ASP B 164 29.36 -19.26 0.76
CA ASP B 164 30.26 -20.36 0.45
C ASP B 164 30.21 -21.36 1.60
N LYS B 165 29.91 -22.62 1.28
CA LYS B 165 29.75 -23.66 2.30
C LYS B 165 31.03 -24.45 2.56
N ASN B 166 32.13 -24.09 1.91
CA ASN B 166 33.41 -24.79 2.08
C ASN B 166 34.43 -23.98 2.89
N VAL B 167 33.94 -23.29 3.91
CA VAL B 167 34.79 -22.50 4.82
C VAL B 167 34.40 -22.81 6.27
N PRO B 168 35.25 -22.44 7.23
CA PRO B 168 35.01 -22.81 8.64
C PRO B 168 33.82 -22.11 9.33
N ASN B 169 33.50 -20.88 8.91
CA ASN B 169 32.34 -20.16 9.44
C ASN B 169 31.54 -19.56 8.29
N PRO B 170 30.66 -20.37 7.65
CA PRO B 170 29.90 -19.93 6.48
C PRO B 170 28.95 -18.76 6.75
N ARG B 171 28.92 -17.80 5.83
CA ARG B 171 28.08 -16.62 5.97
C ARG B 171 26.69 -16.84 5.34
N ILE B 172 25.66 -16.49 6.11
CA ILE B 172 24.28 -16.46 5.61
C ILE B 172 24.13 -15.30 4.65
N LYS B 173 23.37 -15.52 3.58
CA LYS B 173 22.97 -14.46 2.66
C LYS B 173 21.48 -14.56 2.38
N LEU B 174 20.74 -13.50 2.75
CA LEU B 174 19.31 -13.46 2.46
C LEU B 174 19.10 -13.03 1.00
N ILE B 175 18.20 -13.75 0.32
CA ILE B 175 17.81 -13.42 -1.05
C ILE B 175 16.31 -13.13 -1.17
N ASP B 176 15.90 -12.81 -2.40
CA ASP B 176 14.50 -12.64 -2.78
C ASP B 176 13.77 -11.48 -2.08
N PHE B 177 14.01 -10.28 -2.58
CA PHE B 177 13.31 -9.09 -2.10
C PHE B 177 12.14 -8.72 -3.03
N GLY B 178 11.55 -9.75 -3.63
CA GLY B 178 10.44 -9.60 -4.55
C GLY B 178 9.14 -9.10 -3.95
N ILE B 179 8.93 -9.31 -2.66
CA ILE B 179 7.77 -8.73 -1.98
C ILE B 179 8.13 -7.88 -0.75
N ALA B 180 9.41 -7.53 -0.62
CA ALA B 180 9.86 -6.67 0.47
C ALA B 180 9.31 -5.26 0.28
N HIS B 181 8.99 -4.58 1.38
CA HIS B 181 8.38 -3.24 1.33
C HIS B 181 8.92 -2.41 2.46
N LYS B 182 9.15 -1.13 2.21
CA LYS B 182 9.18 -0.15 3.29
C LYS B 182 7.78 -0.07 3.93
N ILE B 183 7.72 -0.13 5.26
CA ILE B 183 6.43 -0.14 5.96
C ILE B 183 5.72 1.20 5.78
N GLU B 184 4.40 1.15 5.62
CA GLU B 184 3.59 2.32 5.29
C GLU B 184 3.63 3.37 6.41
N ALA B 185 3.44 4.63 6.00
N ALA B 185 3.66 4.64 6.01
CA ALA B 185 3.36 5.77 6.91
CA ALA B 185 4.07 5.74 6.92
C ALA B 185 2.28 5.62 7.97
C ALA B 185 3.26 5.78 8.22
N GLY B 186 1.06 5.36 7.52
N GLY B 186 1.99 6.14 8.09
CA GLY B 186 -0.08 5.33 8.43
CA GLY B 186 1.02 5.96 9.15
C GLY B 186 -1.09 6.39 8.07
C GLY B 186 -0.17 5.31 8.48
N ASN B 187 -0.64 7.41 7.34
N ASN B 187 -1.15 6.13 8.11
CA ASN B 187 -1.56 8.35 6.72
CA ASN B 187 -2.19 5.69 7.22
C ASN B 187 -1.49 8.24 5.19
C ASN B 187 -2.06 6.42 5.88
N GLU B 188 -1.06 7.06 4.73
N GLU B 188 -1.42 5.78 4.91
CA GLU B 188 -1.01 6.79 3.29
CA GLU B 188 -1.12 6.44 3.64
C GLU B 188 -2.40 6.77 2.65
C GLU B 188 -2.39 6.52 2.82
N PHE B 189 -3.35 6.16 3.33
N PHE B 189 -3.48 6.01 3.37
CA PHE B 189 -4.71 6.00 2.76
CA PHE B 189 -4.77 6.00 2.72
C PHE B 189 -5.71 6.93 3.44
C PHE B 189 -5.74 6.95 3.43
N LYS B 190 -5.22 7.88 4.22
CA LYS B 190 -6.07 8.78 5.00
C LYS B 190 -5.52 10.20 4.99
N ASN B 191 -6.41 11.18 4.79
CA ASN B 191 -6.03 12.57 4.87
C ASN B 191 -6.19 13.02 6.32
N ILE B 192 -5.08 13.08 7.03
CA ILE B 192 -5.19 13.37 8.46
C ILE B 192 -5.43 14.85 8.77
N PHE B 193 -5.35 15.71 7.75
CA PHE B 193 -5.56 17.15 7.90
C PHE B 193 -7.00 17.58 7.66
N GLY B 194 -7.87 16.62 7.35
CA GLY B 194 -9.27 16.92 7.03
C GLY B 194 -10.26 16.13 7.87
N THR B 195 -11.54 16.31 7.59
CA THR B 195 -12.59 15.61 8.33
C THR B 195 -12.56 14.10 8.04
N PRO B 196 -12.81 13.27 9.07
CA PRO B 196 -12.95 11.84 8.84
C PRO B 196 -14.40 11.42 8.51
N GLU B 197 -15.29 12.40 8.33
CA GLU B 197 -16.75 12.13 8.21
C GLU B 197 -17.13 11.23 7.08
N PHE B 198 -16.34 11.24 6.00
CA PHE B 198 -16.64 10.47 4.80
C PHE B 198 -15.77 9.22 4.59
N VAL B 199 -14.96 8.92 5.58
CA VAL B 199 -14.00 7.80 5.53
C VAL B 199 -14.64 6.48 5.92
N ALA B 200 -14.34 5.44 5.15
CA ALA B 200 -14.88 4.10 5.35
C ALA B 200 -14.32 3.46 6.60
N PRO B 201 -15.10 2.55 7.24
CA PRO B 201 -14.63 1.91 8.45
C PRO B 201 -13.34 1.10 8.29
N GLU B 202 -13.12 0.48 7.13
CA GLU B 202 -11.90 -0.30 6.90
C GLU B 202 -10.66 0.61 6.88
N ILE B 203 -10.85 1.88 6.55
CA ILE B 203 -9.78 2.89 6.63
C ILE B 203 -9.62 3.41 8.06
N VAL B 204 -10.72 3.74 8.73
CA VAL B 204 -10.68 4.02 10.17
C VAL B 204 -9.96 2.92 10.98
N ASN B 205 -10.22 1.65 10.67
CA ASN B 205 -9.64 0.51 11.39
C ASN B 205 -8.46 -0.15 10.68
N TYR B 206 -7.90 0.53 9.68
CA TYR B 206 -6.76 0.00 8.93
C TYR B 206 -5.55 -0.28 9.81
N GLU B 207 -5.06 -1.52 9.71
CA GLU B 207 -3.80 -1.93 10.33
C GLU B 207 -2.89 -2.46 9.24
N PRO B 208 -1.91 -1.66 8.79
CA PRO B 208 -0.98 -2.16 7.77
C PRO B 208 -0.13 -3.34 8.22
N LEU B 209 0.27 -4.16 7.27
CA LEU B 209 1.24 -5.20 7.54
C LEU B 209 2.55 -4.53 7.92
N GLY B 210 3.29 -5.13 8.84
CA GLY B 210 4.51 -4.51 9.32
C GLY B 210 5.65 -5.47 9.56
N LEU B 211 6.63 -4.97 10.30
CA LEU B 211 7.86 -5.71 10.60
C LEU B 211 7.58 -6.99 11.38
N GLU B 212 6.50 -6.98 12.16
CA GLU B 212 6.14 -8.13 13.00
C GLU B 212 5.91 -9.42 12.19
N ALA B 213 5.45 -9.29 10.95
CA ALA B 213 5.24 -10.46 10.10
C ALA B 213 6.54 -11.27 9.92
N ASP B 214 7.67 -10.58 9.75
CA ASP B 214 8.99 -11.21 9.63
C ASP B 214 9.37 -11.95 10.90
N MET B 215 8.99 -11.40 12.04
CA MET B 215 9.33 -12.01 13.34
C MET B 215 8.55 -13.32 13.56
N TRP B 216 7.32 -13.36 13.09
CA TRP B 216 6.56 -14.62 13.05
C TRP B 216 7.29 -15.63 12.17
N SER B 217 7.66 -15.20 10.96
CA SER B 217 8.41 -16.07 10.04
C SER B 217 9.68 -16.63 10.66
N ILE B 218 10.41 -15.80 11.40
CA ILE B 218 11.60 -16.25 12.13
C ILE B 218 11.27 -17.32 13.17
N GLY B 219 10.15 -17.19 13.87
CA GLY B 219 9.71 -18.24 14.79
C GLY B 219 9.50 -19.56 14.08
N VAL B 220 8.87 -19.52 12.90
CA VAL B 220 8.63 -20.75 12.13
C VAL B 220 9.95 -21.35 11.63
N ILE B 221 10.84 -20.50 11.11
CA ILE B 221 12.16 -20.95 10.64
C ILE B 221 12.93 -21.60 11.79
N THR B 222 12.83 -21.01 12.98
CA THR B 222 13.52 -21.53 14.16
C THR B 222 12.98 -22.90 14.59
N TYR B 223 11.67 -23.03 14.57
CA TYR B 223 11.01 -24.30 14.88
C TYR B 223 11.52 -25.41 13.95
N ILE B 224 11.53 -25.15 12.64
CA ILE B 224 11.96 -26.17 11.67
C ILE B 224 13.46 -26.44 11.76
N LEU B 225 14.25 -25.40 11.97
CA LEU B 225 15.69 -25.53 12.18
C LEU B 225 16.02 -26.53 13.30
N LEU B 226 15.29 -26.44 14.41
CA LEU B 226 15.55 -27.29 15.58
C LEU B 226 14.93 -28.68 15.49
N SER B 227 13.83 -28.83 14.76
CA SER B 227 13.05 -30.07 14.78
C SER B 227 12.99 -30.82 13.45
N GLY B 228 13.21 -30.12 12.34
CA GLY B 228 12.97 -30.66 11.02
C GLY B 228 11.49 -30.76 10.63
N ALA B 229 10.60 -30.30 11.51
CA ALA B 229 9.16 -30.36 11.30
C ALA B 229 8.62 -28.94 11.12
N SER B 230 7.57 -28.81 10.34
CA SER B 230 6.91 -27.52 10.08
C SER B 230 5.71 -27.39 11.02
N PRO B 231 5.68 -26.31 11.84
CA PRO B 231 4.68 -26.24 12.92
C PRO B 231 3.21 -26.18 12.48
N PHE B 232 2.91 -25.48 11.40
CA PHE B 232 1.52 -25.29 10.95
C PHE B 232 1.15 -26.06 9.69
N LEU B 233 2.10 -26.79 9.09
CA LEU B 233 1.85 -27.52 7.84
C LEU B 233 0.67 -28.47 7.98
N GLY B 234 -0.31 -28.32 7.09
CA GLY B 234 -1.43 -29.25 7.01
C GLY B 234 -1.35 -30.06 5.73
N GLU B 235 -2.42 -30.79 5.44
CA GLU B 235 -2.50 -31.67 4.28
C GLU B 235 -2.71 -30.90 2.98
N THR B 236 -3.23 -29.69 3.11
CA THR B 236 -3.49 -28.81 1.97
C THR B 236 -3.05 -27.42 2.37
N LYS B 237 -2.89 -26.55 1.39
CA LYS B 237 -2.53 -25.16 1.66
C LYS B 237 -3.57 -24.45 2.53
N GLN B 238 -4.84 -24.68 2.24
CA GLN B 238 -5.91 -24.11 3.07
C GLN B 238 -5.86 -24.59 4.52
N GLU B 239 -5.55 -25.87 4.76
CA GLU B 239 -5.38 -26.36 6.13
C GLU B 239 -4.23 -25.63 6.82
N THR B 240 -3.10 -25.51 6.13
CA THR B 240 -1.97 -24.78 6.68
C THR B 240 -2.38 -23.36 7.08
N LEU B 241 -3.11 -22.68 6.21
CA LEU B 241 -3.54 -21.31 6.47
C LEU B 241 -4.45 -21.25 7.70
N THR B 242 -5.36 -22.21 7.81
CA THR B 242 -6.26 -22.30 8.96
C THR B 242 -5.48 -22.51 10.27
N ASN B 243 -4.51 -23.43 10.26
CA ASN B 243 -3.64 -23.66 11.42
C ASN B 243 -2.89 -22.40 11.84
N ILE B 244 -2.34 -21.70 10.86
CA ILE B 244 -1.63 -20.44 11.13
C ILE B 244 -2.58 -19.47 11.83
N SER B 245 -3.78 -19.32 11.27
CA SER B 245 -4.74 -18.38 11.83
C SER B 245 -5.17 -18.69 13.27
N ALA B 246 -5.15 -19.97 13.64
CA ALA B 246 -5.53 -20.41 14.97
C ALA B 246 -4.29 -20.50 15.90
N VAL B 247 -3.11 -20.23 15.33
CA VAL B 247 -1.83 -20.50 15.99
C VAL B 247 -1.84 -21.93 16.56
N ASN B 248 -2.28 -22.86 15.73
CA ASN B 248 -2.42 -24.28 16.07
C ASN B 248 -1.11 -25.02 15.81
N TYR B 249 -0.27 -25.08 16.84
CA TYR B 249 0.96 -25.87 16.82
C TYR B 249 1.27 -26.36 18.24
N ASP B 250 2.18 -27.33 18.34
CA ASP B 250 2.73 -27.73 19.64
C ASP B 250 4.19 -28.17 19.50
N PHE B 251 4.82 -28.49 20.63
CA PHE B 251 6.18 -29.02 20.64
C PHE B 251 6.14 -30.52 20.92
N ASP B 252 5.71 -31.30 19.94
CA ASP B 252 5.64 -32.76 20.09
C ASP B 252 6.98 -33.30 20.58
N GLU B 253 6.96 -34.03 21.69
CA GLU B 253 8.18 -34.62 22.27
C GLU B 253 8.90 -35.53 21.28
N GLU B 254 8.16 -36.08 20.32
CA GLU B 254 8.75 -36.85 19.23
C GLU B 254 9.83 -36.07 18.50
N TYR B 255 9.65 -34.75 18.36
CA TYR B 255 10.62 -33.89 17.67
C TYR B 255 11.42 -32.97 18.59
N PHE B 256 10.90 -32.66 19.78
CA PHE B 256 11.52 -31.67 20.68
C PHE B 256 12.00 -32.21 22.04
N SER B 257 12.20 -33.52 22.16
CA SER B 257 12.67 -34.11 23.42
C SER B 257 14.04 -33.56 23.85
N ASN B 258 14.89 -33.26 22.87
CA ASN B 258 16.24 -32.75 23.12
C ASN B 258 16.37 -31.21 23.01
N THR B 259 15.23 -30.52 22.94
CA THR B 259 15.21 -29.06 22.83
C THR B 259 15.06 -28.39 24.21
N SER B 260 15.83 -27.32 24.42
CA SER B 260 15.88 -26.62 25.69
C SER B 260 14.62 -25.80 25.93
N GLU B 261 14.35 -25.49 27.20
CA GLU B 261 13.21 -24.65 27.54
C GLU B 261 13.37 -23.23 27.00
N LEU B 262 14.60 -22.71 26.97
CA LEU B 262 14.88 -21.38 26.41
C LEU B 262 14.58 -21.28 24.90
N ALA B 263 14.93 -22.33 24.16
CA ALA B 263 14.66 -22.38 22.72
C ALA B 263 13.15 -22.41 22.48
N LYS B 264 12.43 -23.23 23.25
CA LYS B 264 10.98 -23.27 23.20
C LYS B 264 10.38 -21.90 23.55
N ASP B 265 10.92 -21.25 24.58
CA ASP B 265 10.45 -19.93 24.97
C ASP B 265 10.65 -18.88 23.86
N PHE B 266 11.80 -18.91 23.18
CA PHE B 266 12.09 -18.02 22.05
C PHE B 266 11.01 -18.15 20.96
N ILE B 267 10.76 -19.39 20.56
CA ILE B 267 9.74 -19.70 19.55
C ILE B 267 8.35 -19.24 20.00
N ARG B 268 7.96 -19.58 21.23
CA ARG B 268 6.64 -19.19 21.78
C ARG B 268 6.41 -17.67 21.77
N ARG B 269 7.48 -16.91 21.98
CA ARG B 269 7.38 -15.44 21.99
C ARG B 269 7.28 -14.81 20.61
N LEU B 270 7.52 -15.62 19.58
CA LEU B 270 7.45 -15.17 18.19
C LEU B 270 6.14 -15.63 17.54
N LEU B 271 5.66 -16.81 17.90
CA LEU B 271 4.45 -17.36 17.29
C LEU B 271 3.22 -16.95 18.11
N VAL B 272 2.98 -15.65 18.08
CA VAL B 272 1.94 -14.98 18.85
C VAL B 272 1.03 -14.34 17.81
N LYS B 273 -0.28 -14.49 17.97
CA LYS B 273 -1.25 -14.06 16.96
C LYS B 273 -1.26 -12.54 16.83
N ASP B 274 -1.35 -11.86 17.97
CA ASP B 274 -1.36 -10.40 18.00
C ASP B 274 0.05 -9.89 17.68
N PRO B 275 0.19 -9.18 16.54
CA PRO B 275 1.53 -8.74 16.15
C PRO B 275 2.17 -7.81 17.20
N LYS B 276 1.34 -7.07 17.93
CA LYS B 276 1.83 -6.13 18.93
C LYS B 276 2.36 -6.79 20.22
N ARG B 277 2.03 -8.07 20.43
CA ARG B 277 2.52 -8.83 21.59
C ARG B 277 3.71 -9.74 21.24
N ARG B 278 4.05 -9.77 19.96
CA ARG B 278 5.14 -10.58 19.42
C ARG B 278 6.49 -9.94 19.72
N MET B 279 7.53 -10.74 19.96
CA MET B 279 8.87 -10.19 20.12
C MET B 279 9.28 -9.42 18.86
N TPO B 280 9.89 -8.26 19.07
CA TPO B 280 10.51 -7.49 18.00
CB TPO B 280 10.57 -5.99 18.31
CG2 TPO B 280 9.22 -5.41 18.76
OG1 TPO B 280 11.53 -5.69 19.32
P TPO B 280 12.23 -4.21 19.21
O1P TPO B 280 11.09 -3.22 19.19
O2P TPO B 280 13.00 -4.11 20.50
O3P TPO B 280 13.05 -4.21 17.89
C TPO B 280 11.89 -8.03 17.75
O TPO B 280 12.39 -8.91 18.51
N ILE B 281 12.55 -7.52 16.71
CA ILE B 281 13.90 -8.02 16.37
C ILE B 281 14.91 -7.69 17.48
N ALA B 282 14.85 -6.50 18.05
CA ALA B 282 15.75 -6.15 19.16
C ALA B 282 15.51 -7.04 20.38
N GLN B 283 14.26 -7.33 20.68
CA GLN B 283 13.92 -8.23 21.79
C GLN B 283 14.40 -9.67 21.54
N SER B 284 14.28 -10.11 20.30
CA SER B 284 14.75 -11.43 19.88
C SER B 284 16.26 -11.57 20.10
N LEU B 285 16.99 -10.50 19.80
CA LEU B 285 18.43 -10.50 19.96
C LEU B 285 18.85 -10.45 21.44
N GLU B 286 18.01 -9.83 22.28
CA GLU B 286 18.27 -9.76 23.71
C GLU B 286 17.83 -11.02 24.46
N HIS B 287 17.00 -11.85 23.84
CA HIS B 287 16.54 -13.09 24.45
C HIS B 287 17.75 -13.94 24.90
N SER B 288 17.65 -14.48 26.12
CA SER B 288 18.74 -15.25 26.73
C SER B 288 19.23 -16.44 25.88
N TRP B 289 18.35 -16.97 25.02
CA TRP B 289 18.76 -18.07 24.15
C TRP B 289 19.76 -17.63 23.08
N ILE B 290 19.65 -16.38 22.62
CA ILE B 290 20.52 -15.82 21.60
C ILE B 290 21.72 -15.09 22.22
N LYS B 291 21.46 -14.37 23.30
CA LYS B 291 22.45 -13.44 23.88
C LYS B 291 23.67 -14.16 24.47
N ALA B 292 23.50 -15.42 24.87
CA ALA B 292 24.59 -16.26 25.38
C ALA B 292 25.85 -16.27 24.50
N ILE B 293 27.01 -16.30 25.16
CA ILE B 293 28.32 -16.30 24.50
C ILE B 293 28.71 -17.73 24.13
N ARG B 294 29.04 -17.96 22.87
CA ARG B 294 29.38 -19.30 22.39
C ARG B 294 30.74 -19.32 21.68
N ARG B 295 31.46 -20.44 21.83
CA ARG B 295 32.75 -20.65 21.19
C ARG B 295 32.91 -19.92 19.84
O0 IZA C . -9.26 24.95 -10.13
C11 IZA C . -8.64 24.04 -9.53
N2 IZA C . -8.08 23.05 -10.35
C12 IZA C . -7.33 21.99 -9.82
C13 IZA C . -7.17 21.90 -8.46
C9 IZA C . -7.74 22.86 -7.61
C1 IZA C . -7.54 22.71 -6.25
C10 IZA C . -8.50 23.94 -8.13
C8 IZA C . -9.03 24.87 -7.20
C7 IZA C . -9.80 25.98 -7.62
C6 IZA C . -10.34 26.87 -6.69
F1 IZA C . -11.07 27.92 -7.14
C5 IZA C . -10.13 26.69 -5.33
C4 IZA C . -9.36 25.61 -4.89
C3 IZA C . -8.81 24.71 -5.82
C0 IZA C . -8.08 23.62 -5.36
N1 IZA C . -7.72 23.23 -4.14
C2 IZA C . -7.00 22.13 -4.26
N0 IZA C . -6.86 21.79 -5.54
C14 IZA C . -6.37 21.36 -3.06
C17 IZA C . -7.36 20.33 -2.54
C16 IZA C . -6.06 22.38 -1.98
C15 IZA C . -5.04 20.74 -3.50
CL CL D . -5.87 18.99 -6.71
C1 EDO E . -0.48 16.96 -1.09
O1 EDO E . -1.32 15.81 -0.86
C2 EDO E . 0.17 16.89 -2.46
O2 EDO E . -0.84 16.94 -3.48
O0 IZA F . 23.31 -16.47 -6.20
C11 IZA F . 22.25 -15.83 -6.19
N2 IZA F . 22.35 -14.43 -6.07
C12 IZA F . 21.21 -13.63 -6.05
C13 IZA F . 19.97 -14.24 -6.15
C9 IZA F . 19.85 -15.61 -6.26
C1 IZA F . 18.57 -16.16 -6.37
C10 IZA F . 20.98 -16.43 -6.28
C8 IZA F . 20.81 -17.83 -6.39
C7 IZA F . 21.91 -18.69 -6.41
C6 IZA F . 21.73 -20.07 -6.52
F1 IZA F . 22.81 -20.91 -6.54
C5 IZA F . 20.45 -20.59 -6.62
C4 IZA F . 19.35 -19.74 -6.60
C3 IZA F . 19.53 -18.37 -6.49
C0 IZA F . 18.41 -17.52 -6.48
N1 IZA F . 17.11 -17.77 -6.55
C2 IZA F . 16.48 -16.61 -6.49
N0 IZA F . 17.36 -15.61 -6.38
C14 IZA F . 14.96 -16.43 -6.55
C17 IZA F . 14.32 -17.63 -7.28
C16 IZA F . 14.63 -15.14 -7.30
C15 IZA F . 14.43 -16.35 -5.11
CL CL G . 16.67 -12.62 -5.50
C1 EDO H . 6.54 -6.58 21.94
O1 EDO H . 6.50 -6.95 23.33
C2 EDO H . 6.57 -5.07 21.78
O2 EDO H . 7.51 -4.48 22.69
C1 EDO I . 9.18 -11.17 -8.79
O1 EDO I . 8.94 -11.90 -7.58
C2 EDO I . 10.65 -11.28 -9.18
O2 EDO I . 11.42 -10.31 -8.47
P PO4 J . -9.58 6.01 -20.99
O1 PO4 J . -8.61 5.63 -22.07
O2 PO4 J . -11.00 5.61 -21.35
O3 PO4 J . -9.24 5.26 -19.73
O4 PO4 J . -9.49 7.49 -20.75
#